data_4U64
#
_entry.id   4U64
#
_cell.length_a   61.581
_cell.length_b   61.581
_cell.length_c   147.528
_cell.angle_alpha   90.00
_cell.angle_beta   90.00
_cell.angle_gamma   120.00
#
_symmetry.space_group_name_H-M   'P 61 2 2'
#
loop_
_entity.id
_entity.type
_entity.pdbx_description
1 polymer 'Two component histidine kinase, GGDEF domain protein/EAL domain protein'
2 water water
#
_entity_poly.entity_id   1
_entity_poly.type   'polypeptide(L)'
_entity_poly.pdbx_seq_one_letter_code
;TYFIT(MSE)NNARNFFIQQLESNAQDTATSLGLSLSQSLINHDVPT(MSE)DS(MSE)VKAVFDRGYFSSIKVQDIKGK
VIILKKQLPQESDIPQWFVNLIKWPSTEKSSLI(MSE)DGW(MSE)QAGVVLVASDPSYVYASLWRNAVE(MSE)
;
_entity_poly.pdbx_strand_id   A
#
# COMPACT_ATOMS: atom_id res chain seq x y z
N THR A 1 25.71 14.80 19.57
CA THR A 1 24.71 13.87 19.07
C THR A 1 23.97 14.47 17.86
N TYR A 2 23.68 13.63 16.88
CA TYR A 2 22.98 14.06 15.68
C TYR A 2 21.51 13.65 15.74
N PHE A 3 20.67 14.49 15.15
CA PHE A 3 19.23 14.28 15.15
C PHE A 3 18.67 14.51 13.75
N ILE A 4 17.43 14.05 13.56
CA ILE A 4 16.61 14.42 12.42
C ILE A 4 15.33 15.03 12.96
N THR A 5 14.90 16.15 12.37
CA THR A 5 13.65 16.75 12.81
C THR A 5 12.48 15.84 12.47
N ASN A 7 9.71 16.74 11.31
CA ASN A 7 9.16 17.17 10.03
C ASN A 7 9.88 16.50 8.86
N ASN A 8 11.20 16.33 8.97
CA ASN A 8 11.94 15.69 7.88
C ASN A 8 11.72 14.19 7.88
N ALA A 9 11.63 13.57 9.06
CA ALA A 9 11.31 12.15 9.13
C ALA A 9 9.91 11.88 8.59
N ARG A 10 8.98 12.79 8.86
CA ARG A 10 7.62 12.65 8.34
C ARG A 10 7.60 12.77 6.82
N ASN A 11 8.35 13.73 6.27
CA ASN A 11 8.42 13.88 4.82
C ASN A 11 8.98 12.63 4.16
N PHE A 12 9.93 11.96 4.82
CA PHE A 12 10.46 10.71 4.26
C PHE A 12 9.36 9.66 4.14
N PHE A 13 8.60 9.47 5.22
CA PHE A 13 7.58 8.40 5.22
C PHE A 13 6.44 8.74 4.26
N ILE A 14 6.07 10.02 4.16
CA ILE A 14 5.07 10.42 3.18
C ILE A 14 5.52 10.03 1.77
N GLN A 15 6.79 10.29 1.46
CA GLN A 15 7.31 9.97 0.13
C GLN A 15 7.54 8.48 -0.03
N GLN A 16 8.08 7.82 1.01
CA GLN A 16 8.41 6.40 0.90
CA GLN A 16 8.41 6.40 0.89
C GLN A 16 7.16 5.54 0.78
N LEU A 17 6.13 5.84 1.58
CA LEU A 17 4.89 5.07 1.50
C LEU A 17 4.21 5.22 0.15
N GLU A 18 4.30 6.41 -0.44
CA GLU A 18 3.67 6.65 -1.73
C GLU A 18 4.40 5.93 -2.85
N SER A 19 5.74 6.04 -2.88
CA SER A 19 6.49 5.36 -3.93
C SER A 19 6.51 3.85 -3.72
N ASN A 20 6.45 3.39 -2.48
CA ASN A 20 6.40 1.95 -2.24
C ASN A 20 5.09 1.36 -2.75
N ALA A 21 3.98 2.09 -2.59
CA ALA A 21 2.72 1.62 -3.13
C ALA A 21 2.76 1.60 -4.67
N GLN A 22 3.40 2.58 -5.28
CA GLN A 22 3.49 2.61 -6.74
C GLN A 22 4.41 1.52 -7.26
N ASP A 23 5.61 1.38 -6.65
CA ASP A 23 6.52 0.32 -7.07
C ASP A 23 5.89 -1.05 -6.90
N THR A 24 5.17 -1.25 -5.80
CA THR A 24 4.49 -2.52 -5.57
C THR A 24 3.41 -2.76 -6.61
N ALA A 25 2.63 -1.74 -6.94
CA ALA A 25 1.60 -1.89 -7.95
C ALA A 25 2.20 -2.22 -9.32
N THR A 26 3.31 -1.58 -9.67
CA THR A 26 3.92 -1.81 -10.97
C THR A 26 4.48 -3.22 -11.08
N SER A 27 5.12 -3.72 -10.03
CA SER A 27 5.66 -5.07 -10.06
C SER A 27 4.55 -6.11 -10.06
N LEU A 28 3.48 -5.87 -9.28
CA LEU A 28 2.33 -6.75 -9.36
C LEU A 28 1.70 -6.73 -10.75
N GLY A 29 1.72 -5.58 -11.41
CA GLY A 29 1.16 -5.48 -12.75
C GLY A 29 1.84 -6.43 -13.73
N LEU A 30 3.16 -6.55 -13.62
CA LEU A 30 3.88 -7.51 -14.47
C LEU A 30 3.69 -8.94 -13.97
N SER A 31 3.68 -9.13 -12.64
CA SER A 31 3.61 -10.46 -12.06
C SER A 31 2.27 -11.15 -12.34
N LEU A 32 1.18 -10.39 -12.36
CA LEU A 32 -0.16 -10.95 -12.43
C LEU A 32 -0.66 -11.18 -13.86
N SER A 33 0.13 -10.81 -14.87
CA SER A 33 -0.37 -10.79 -16.25
C SER A 33 -0.85 -12.18 -16.68
N GLN A 34 0.05 -13.17 -16.64
CA GLN A 34 -0.29 -14.50 -17.14
C GLN A 34 -1.47 -15.09 -16.36
N SER A 35 -1.48 -14.92 -15.04
CA SER A 35 -2.55 -15.49 -14.23
C SER A 35 -3.89 -14.82 -14.50
N LEU A 36 -3.88 -13.50 -14.72
CA LEU A 36 -5.13 -12.83 -15.04
CA LEU A 36 -5.13 -12.81 -15.05
C LEU A 36 -5.67 -13.28 -16.40
N ILE A 37 -4.79 -13.41 -17.40
CA ILE A 37 -5.22 -13.87 -18.71
C ILE A 37 -5.85 -15.24 -18.62
N ASN A 38 -5.15 -16.18 -17.97
CA ASN A 38 -5.64 -17.54 -17.84
C ASN A 38 -6.62 -17.72 -16.69
N HIS A 39 -7.04 -16.62 -16.04
N HIS A 39 -7.01 -16.64 -16.02
CA HIS A 39 -8.03 -16.66 -14.97
CA HIS A 39 -8.03 -16.69 -14.97
C HIS A 39 -7.64 -17.62 -13.85
C HIS A 39 -7.63 -17.64 -13.86
N ASP A 40 -6.38 -17.53 -13.42
CA ASP A 40 -5.86 -18.38 -12.34
C ASP A 40 -5.94 -17.58 -11.04
N VAL A 41 -7.11 -17.66 -10.39
CA VAL A 41 -7.31 -16.90 -9.14
C VAL A 41 -6.38 -17.35 -8.03
N PRO A 42 -6.21 -18.65 -7.74
CA PRO A 42 -5.30 -19.03 -6.64
C PRO A 42 -3.88 -18.51 -6.81
N THR A 43 -3.33 -18.54 -8.01
CA THR A 43 -1.98 -18.00 -8.22
C THR A 43 -1.96 -16.49 -8.00
N ASP A 45 -3.91 -14.86 -6.05
CA ASP A 45 -4.10 -14.64 -4.62
C ASP A 45 -2.79 -14.83 -3.86
N SER A 46 -1.96 -15.78 -4.29
CA SER A 46 -0.68 -16.02 -3.62
C SER A 46 0.26 -14.83 -3.82
N VAL A 48 -0.64 -11.70 -4.39
CA VAL A 48 -1.16 -10.56 -3.64
C VAL A 48 -0.95 -10.79 -2.15
N LYS A 49 -1.19 -12.01 -1.67
CA LYS A 49 -1.06 -12.29 -0.24
C LYS A 49 0.39 -12.12 0.23
N ALA A 50 1.35 -12.52 -0.61
CA ALA A 50 2.75 -12.32 -0.27
C ALA A 50 3.07 -10.84 -0.09
N VAL A 51 2.42 -9.99 -0.89
CA VAL A 51 2.65 -8.54 -0.78
C VAL A 51 1.83 -7.96 0.36
N PHE A 52 0.58 -8.41 0.52
CA PHE A 52 -0.28 -7.81 1.53
C PHE A 52 0.11 -8.25 2.94
N ASP A 53 0.62 -9.47 3.10
CA ASP A 53 1.07 -9.94 4.41
C ASP A 53 2.24 -9.12 4.94
N ARG A 54 2.90 -8.32 4.10
CA ARG A 54 3.94 -7.42 4.59
C ARG A 54 3.39 -6.48 5.65
N GLY A 55 2.13 -6.07 5.53
CA GLY A 55 1.44 -5.32 6.55
C GLY A 55 1.38 -3.82 6.35
N TYR A 56 2.08 -3.29 5.35
CA TYR A 56 2.17 -1.84 5.17
C TYR A 56 1.00 -1.26 4.38
N PHE A 57 0.09 -2.08 3.86
CA PHE A 57 -0.91 -1.62 2.92
C PHE A 57 -2.31 -1.69 3.51
N SER A 58 -3.11 -0.65 3.26
CA SER A 58 -4.49 -0.64 3.71
C SER A 58 -5.40 -1.42 2.77
N SER A 59 -5.02 -1.53 1.50
CA SER A 59 -5.83 -2.28 0.54
C SER A 59 -5.01 -2.59 -0.70
N ILE A 60 -5.29 -3.75 -1.29
CA ILE A 60 -4.76 -4.13 -2.59
C ILE A 60 -5.92 -4.71 -3.40
N LYS A 61 -6.10 -4.19 -4.61
CA LYS A 61 -7.27 -4.50 -5.42
C LYS A 61 -6.85 -4.88 -6.83
N VAL A 62 -7.33 -6.03 -7.30
CA VAL A 62 -7.09 -6.50 -8.66
C VAL A 62 -8.44 -6.59 -9.36
N GLN A 63 -8.54 -5.98 -10.54
CA GLN A 63 -9.79 -5.95 -11.28
C GLN A 63 -9.48 -6.05 -12.76
N ASP A 64 -10.44 -6.60 -13.52
CA ASP A 64 -10.28 -6.66 -14.97
C ASP A 64 -10.66 -5.30 -15.57
N ILE A 65 -10.83 -5.27 -16.90
CA ILE A 65 -11.07 -4.01 -17.58
C ILE A 65 -12.32 -3.32 -17.06
N LYS A 66 -13.38 -4.10 -16.84
CA LYS A 66 -14.69 -3.52 -16.56
C LYS A 66 -14.79 -2.89 -15.18
N GLY A 67 -13.89 -3.21 -14.26
CA GLY A 67 -14.03 -2.86 -12.88
C GLY A 67 -14.47 -4.00 -11.99
N LYS A 68 -14.73 -5.17 -12.58
CA LYS A 68 -15.00 -6.39 -11.85
C LYS A 68 -13.85 -6.73 -10.92
N VAL A 69 -14.07 -6.60 -9.61
CA VAL A 69 -13.01 -6.85 -8.64
C VAL A 69 -12.77 -8.35 -8.54
N ILE A 70 -11.55 -8.77 -8.84
CA ILE A 70 -11.19 -10.19 -8.77
C ILE A 70 -10.61 -10.55 -7.41
N ILE A 71 -9.67 -9.75 -6.92
CA ILE A 71 -9.07 -9.94 -5.60
C ILE A 71 -9.16 -8.63 -4.84
N LEU A 72 -9.50 -8.72 -3.56
CA LEU A 72 -9.60 -7.54 -2.70
C LEU A 72 -9.08 -7.92 -1.32
N LYS A 73 -7.94 -7.36 -0.93
CA LYS A 73 -7.41 -7.46 0.42
C LYS A 73 -7.56 -6.10 1.09
N LYS A 74 -8.11 -6.09 2.31
CA LYS A 74 -8.29 -4.87 3.06
C LYS A 74 -7.94 -5.11 4.52
N GLN A 75 -7.54 -4.02 5.19
CA GLN A 75 -7.33 -3.99 6.62
C GLN A 75 -7.58 -2.56 7.06
N LEU A 76 -8.13 -2.42 8.24
CA LEU A 76 -8.30 -1.11 8.83
C LEU A 76 -7.07 -0.75 9.64
N PRO A 77 -6.83 0.54 9.85
CA PRO A 77 -5.94 0.95 10.93
C PRO A 77 -6.62 0.62 12.23
N GLN A 78 -5.87 0.07 13.17
CA GLN A 78 -6.56 -0.35 14.37
C GLN A 78 -6.20 0.55 15.53
N GLU A 79 -6.83 0.22 16.66
CA GLU A 79 -6.73 1.01 17.88
C GLU A 79 -5.27 1.22 18.27
N SER A 80 -5.02 2.38 18.89
CA SER A 80 -3.68 2.86 19.14
C SER A 80 -3.59 3.42 20.55
N ASP A 81 -2.47 3.14 21.21
CA ASP A 81 -2.15 3.80 22.46
C ASP A 81 -1.43 5.12 22.24
N ILE A 82 -1.50 5.66 21.03
CA ILE A 82 -0.90 6.96 20.72
C ILE A 82 -1.88 8.06 21.12
N PRO A 83 -1.43 9.10 21.81
CA PRO A 83 -2.32 10.22 22.13
C PRO A 83 -2.85 10.89 20.86
N GLN A 84 -4.11 11.31 20.92
CA GLN A 84 -4.75 11.88 19.73
C GLN A 84 -4.08 13.19 19.31
N TRP A 85 -3.57 13.98 20.26
CA TRP A 85 -2.93 15.23 19.90
C TRP A 85 -1.68 14.99 19.06
N PHE A 86 -0.94 13.92 19.36
CA PHE A 86 0.23 13.60 18.55
C PHE A 86 -0.18 12.98 17.22
N VAL A 87 -1.26 12.19 17.22
CA VAL A 87 -1.79 11.65 15.97
C VAL A 87 -2.17 12.78 15.02
N ASN A 88 -2.83 13.81 15.55
CA ASN A 88 -3.18 14.96 14.74
C ASN A 88 -1.97 15.74 14.25
N LEU A 89 -0.84 15.64 14.97
CA LEU A 89 0.35 16.39 14.59
C LEU A 89 1.00 15.82 13.35
N ILE A 90 1.02 14.49 13.20
CA ILE A 90 1.82 13.84 12.17
C ILE A 90 0.99 13.20 11.07
N LYS A 91 -0.33 13.08 11.23
CA LYS A 91 -1.11 12.28 10.30
C LYS A 91 -1.13 12.90 8.90
N TRP A 92 -1.31 12.04 7.89
CA TRP A 92 -1.46 12.47 6.51
C TRP A 92 -2.32 11.45 5.79
N PRO A 93 -3.01 11.84 4.73
CA PRO A 93 -3.97 10.94 4.09
C PRO A 93 -3.31 9.85 3.26
N SER A 94 -4.01 8.73 3.14
CA SER A 94 -3.57 7.62 2.32
C SER A 94 -3.70 7.96 0.84
N THR A 95 -2.84 7.34 0.03
CA THR A 95 -2.85 7.53 -1.42
C THR A 95 -2.88 6.17 -2.09
N GLU A 96 -3.69 6.05 -3.14
CA GLU A 96 -3.80 4.81 -3.90
C GLU A 96 -3.05 4.95 -5.22
N LYS A 97 -2.21 3.96 -5.51
CA LYS A 97 -1.43 3.92 -6.74
C LYS A 97 -1.90 2.77 -7.62
N SER A 98 -1.80 2.96 -8.94
CA SER A 98 -2.31 2.00 -9.90
C SER A 98 -1.23 1.61 -10.90
N SER A 99 -1.42 0.43 -11.49
CA SER A 99 -0.61 -0.02 -12.62
C SER A 99 -1.48 -0.92 -13.48
N LEU A 100 -1.33 -0.77 -14.81
CA LEU A 100 -2.08 -1.61 -15.73
C LEU A 100 -1.50 -3.02 -15.79
N ILE A 101 -2.38 -3.99 -15.88
CA ILE A 101 -2.00 -5.39 -16.08
C ILE A 101 -2.14 -5.65 -17.58
N ASP A 103 -1.49 -7.55 -21.43
CA ASP A 103 -1.36 -8.78 -22.19
C ASP A 103 -0.71 -8.37 -23.52
N GLY A 104 0.62 -8.30 -23.53
CA GLY A 104 1.33 -7.71 -24.65
C GLY A 104 1.05 -6.22 -24.75
N TRP A 105 0.51 -5.78 -25.88
CA TRP A 105 0.13 -4.39 -26.07
C TRP A 105 -1.33 -4.12 -25.69
N GLN A 107 -4.68 -4.08 -23.10
CA GLN A 107 -5.02 -3.96 -21.68
C GLN A 107 -5.83 -5.16 -21.22
N ALA A 108 -5.50 -5.67 -20.03
CA ALA A 108 -6.21 -6.79 -19.44
C ALA A 108 -6.78 -6.49 -18.06
N GLY A 109 -6.14 -5.64 -17.27
CA GLY A 109 -6.66 -5.34 -15.96
C GLY A 109 -5.87 -4.24 -15.30
N VAL A 110 -6.21 -3.98 -14.03
CA VAL A 110 -5.55 -2.97 -13.22
C VAL A 110 -5.36 -3.52 -11.81
N VAL A 111 -4.21 -3.21 -11.21
CA VAL A 111 -3.95 -3.50 -9.82
C VAL A 111 -3.77 -2.16 -9.09
N LEU A 112 -4.42 -2.03 -7.94
CA LEU A 112 -4.41 -0.79 -7.17
C LEU A 112 -3.89 -1.07 -5.77
N VAL A 113 -2.90 -0.30 -5.34
CA VAL A 113 -2.27 -0.47 -4.04
C VAL A 113 -2.40 0.85 -3.27
N ALA A 114 -2.96 0.77 -2.08
CA ALA A 114 -3.15 1.94 -1.22
C ALA A 114 -2.28 1.81 0.03
N SER A 115 -1.66 2.92 0.41
CA SER A 115 -0.77 2.94 1.56
C SER A 115 -1.57 3.02 2.86
N ASP A 116 -0.89 2.74 3.97
CA ASP A 116 -1.47 2.79 5.31
C ASP A 116 -0.60 3.68 6.17
N PRO A 117 -0.82 5.00 6.14
CA PRO A 117 0.03 5.91 6.95
C PRO A 117 0.02 5.60 8.43
N SER A 118 -1.12 5.17 8.98
CA SER A 118 -1.18 4.86 10.41
C SER A 118 -0.27 3.71 10.81
N TYR A 119 0.31 2.99 9.85
CA TYR A 119 1.27 1.94 10.16
C TYR A 119 2.54 2.51 10.78
N VAL A 120 2.85 3.78 10.49
CA VAL A 120 4.10 4.39 10.90
C VAL A 120 3.95 5.25 12.16
N TYR A 121 2.72 5.62 12.55
CA TYR A 121 2.53 6.57 13.63
C TYR A 121 3.15 6.08 14.94
N ALA A 122 2.99 4.79 15.25
CA ALA A 122 3.48 4.27 16.52
C ALA A 122 5.00 4.35 16.61
N SER A 123 5.68 4.05 15.51
CA SER A 123 7.15 4.12 15.53
C SER A 123 7.63 5.55 15.70
N LEU A 124 6.98 6.51 15.05
CA LEU A 124 7.32 7.91 15.25
C LEU A 124 7.05 8.36 16.68
N TRP A 125 6.00 7.82 17.30
CA TRP A 125 5.68 8.19 18.68
C TRP A 125 6.71 7.62 19.65
N ARG A 126 7.11 6.36 19.46
CA ARG A 126 8.03 5.73 20.40
C ARG A 126 9.45 6.27 20.25
N ASN A 127 9.80 6.79 19.08
CA ASN A 127 11.14 7.32 18.83
C ASN A 127 11.20 8.84 18.96
N ALA A 128 10.10 9.49 19.31
CA ALA A 128 10.08 10.95 19.36
C ALA A 128 10.80 11.46 20.60
N VAL A 129 11.58 12.53 20.43
CA VAL A 129 12.20 13.26 21.53
C VAL A 129 11.97 14.75 21.28
N GLU A 130 11.58 15.46 22.33
CA GLU A 130 11.19 16.87 22.21
C GLU A 130 12.32 17.76 22.69
#